data_7F2J
#
_entry.id   7F2J
#
_cell.length_a   28.301
_cell.length_b   73.949
_cell.length_c   61.950
_cell.angle_alpha   90.00
_cell.angle_beta   101.01
_cell.angle_gamma   90.00
#
_symmetry.space_group_name_H-M   'P 1 21 1'
#
loop_
_entity.id
_entity.type
_entity.pdbx_description
1 polymer 'Peptidyl-prolyl cis-trans isomerase FKBP53'
2 non-polymer 'RAPAMYCIN IMMUNOSUPPRESSANT DRUG'
3 non-polymer 'SULFATE ION'
4 non-polymer DI(HYDROXYETHYL)ETHER
5 water water
#
_entity_poly.entity_id   1
_entity_poly.type   'polypeptide(L)'
_entity_poly.pdbx_seq_one_letter_code
;SQVRTYPNGLIVEELSMGKPNGKRADPGKTVSVRYIGKLQKNGKIFDSNIGKSPFKFRLGIGSVIKGWDVGVNGMRVGDK
RKLTIPPSMGYGVKGAGGQIPPNSWLTFDVELINVQLEHHHHHH
;
_entity_poly.pdbx_strand_id   A,B
#
loop_
_chem_comp.id
_chem_comp.type
_chem_comp.name
_chem_comp.formula
PEG non-polymer DI(HYDROXYETHYL)ETHER 'C4 H10 O3'
RAP non-polymer 'RAPAMYCIN IMMUNOSUPPRESSANT DRUG' 'C51 H79 N O13'
SO4 non-polymer 'SULFATE ION' 'O4 S -2'
#
# COMPACT_ATOMS: atom_id res chain seq x y z
N SER A 1 -19.86 -3.03 26.78
CA SER A 1 -18.57 -3.02 27.53
C SER A 1 -17.34 -3.02 26.60
N GLN A 2 -17.26 -4.03 25.73
CA GLN A 2 -16.14 -4.25 24.87
C GLN A 2 -16.47 -4.26 23.38
N VAL A 3 -17.72 -3.89 23.04
CA VAL A 3 -18.11 -3.64 21.66
C VAL A 3 -18.80 -2.29 21.56
N ARG A 4 -18.39 -1.50 20.56
CA ARG A 4 -19.01 -0.20 20.24
C ARG A 4 -19.36 -0.18 18.75
N THR A 5 -20.57 0.24 18.42
CA THR A 5 -20.95 0.46 17.03
C THR A 5 -21.14 1.94 16.78
N TYR A 6 -21.05 2.32 15.50
CA TYR A 6 -21.25 3.73 15.04
C TYR A 6 -22.32 3.76 13.97
N PRO A 7 -23.03 4.89 13.80
CA PRO A 7 -24.14 4.97 12.84
C PRO A 7 -23.78 4.67 11.38
N ASN A 8 -22.50 4.83 11.01
CA ASN A 8 -22.01 4.52 9.69
C ASN A 8 -21.78 3.00 9.46
N GLY A 9 -21.96 2.17 10.50
CA GLY A 9 -21.80 0.74 10.39
C GLY A 9 -20.51 0.15 10.96
N LEU A 10 -19.55 1.01 11.31
CA LEU A 10 -18.32 0.54 11.92
C LEU A 10 -18.63 -0.18 13.22
N ILE A 11 -18.00 -1.34 13.43
CA ILE A 11 -17.95 -2.03 14.71
C ILE A 11 -16.52 -2.06 15.23
N VAL A 12 -16.35 -1.68 16.50
CA VAL A 12 -15.08 -1.71 17.18
C VAL A 12 -15.19 -2.64 18.39
N GLU A 13 -14.41 -3.73 18.37
CA GLU A 13 -14.44 -4.74 19.42
C GLU A 13 -13.06 -4.83 20.10
N GLU A 14 -13.06 -4.80 21.43
CA GLU A 14 -11.83 -4.98 22.19
C GLU A 14 -11.56 -6.48 22.32
N LEU A 15 -10.48 -6.94 21.69
CA LEU A 15 -10.01 -8.33 21.79
C LEU A 15 -9.17 -8.62 23.01
N SER A 16 -8.20 -7.76 23.28
CA SER A 16 -7.24 -7.96 24.40
C SER A 16 -7.01 -6.64 25.10
N MET A 17 -6.81 -6.70 26.42
CA MET A 17 -6.52 -5.51 27.26
C MET A 17 -5.03 -5.41 27.50
N GLY A 18 -4.41 -4.29 27.14
N GLY A 18 -4.41 -4.29 27.14
CA GLY A 18 -2.99 -4.10 27.35
CA GLY A 18 -2.99 -4.10 27.35
C GLY A 18 -2.61 -3.56 28.71
C GLY A 18 -2.61 -3.56 28.71
N LYS A 19 -1.69 -2.58 28.72
CA LYS A 19 -1.22 -1.95 29.96
C LYS A 19 -2.30 -1.04 30.52
N PRO A 20 -2.61 -1.07 31.84
CA PRO A 20 -3.68 -0.23 32.40
C PRO A 20 -3.46 1.28 32.17
N ASN A 21 -2.16 1.67 32.28
CA ASN A 21 -1.71 3.05 32.07
C ASN A 21 -0.86 3.23 30.79
N GLY A 22 -1.02 2.31 29.84
CA GLY A 22 -0.34 2.36 28.56
C GLY A 22 -0.66 3.65 27.85
N LYS A 23 0.32 4.20 27.14
CA LYS A 23 0.11 5.41 26.34
C LYS A 23 -1.07 5.26 25.39
N ARG A 24 -1.87 6.32 25.29
CA ARG A 24 -3.15 6.26 24.54
C ARG A 24 -2.98 6.90 23.16
N ALA A 25 -3.53 6.23 22.15
CA ALA A 25 -3.70 6.74 20.80
C ALA A 25 -4.80 7.79 20.80
N ASP A 26 -4.39 9.06 20.82
CA ASP A 26 -5.30 10.20 20.74
C ASP A 26 -5.10 10.91 19.41
N PRO A 27 -6.15 11.59 18.88
CA PRO A 27 -6.03 12.27 17.58
C PRO A 27 -4.83 13.23 17.58
N GLY A 28 -4.08 13.22 16.47
CA GLY A 28 -2.92 14.04 16.29
C GLY A 28 -1.59 13.44 16.72
N LYS A 29 -1.63 12.30 17.40
CA LYS A 29 -0.41 11.61 17.83
C LYS A 29 0.02 10.63 16.75
N THR A 30 1.34 10.48 16.61
CA THR A 30 1.89 9.39 15.80
C THR A 30 1.85 8.10 16.62
N VAL A 31 1.29 7.04 16.02
CA VAL A 31 1.09 5.75 16.69
C VAL A 31 1.72 4.68 15.84
N SER A 32 2.09 3.58 16.49
CA SER A 32 2.75 2.45 15.86
C SER A 32 1.90 1.23 16.14
N VAL A 33 1.56 0.49 15.10
CA VAL A 33 0.63 -0.64 15.23
C VAL A 33 1.10 -1.87 14.47
N ARG A 34 0.65 -3.04 14.92
CA ARG A 34 0.68 -4.28 14.11
C ARG A 34 -0.75 -4.60 13.68
N TYR A 35 -0.93 -5.13 12.49
CA TYR A 35 -2.28 -5.39 11.96
C TYR A 35 -2.31 -6.62 11.06
N ILE A 36 -3.53 -7.17 10.91
CA ILE A 36 -3.88 -8.14 9.90
C ILE A 36 -5.15 -7.60 9.24
N GLY A 37 -5.17 -7.54 7.91
CA GLY A 37 -6.31 -7.09 7.13
C GLY A 37 -6.93 -8.19 6.28
N LYS A 38 -8.25 -8.33 6.35
CA LYS A 38 -8.99 -9.42 5.69
C LYS A 38 -10.19 -8.87 4.94
N LEU A 39 -10.47 -9.44 3.76
CA LEU A 39 -11.72 -9.14 3.03
C LEU A 39 -12.79 -9.95 3.70
N GLN A 40 -13.83 -9.29 4.20
CA GLN A 40 -14.81 -10.02 5.03
C GLN A 40 -15.56 -11.11 4.25
N LYS A 41 -15.90 -10.83 2.99
CA LYS A 41 -16.84 -11.72 2.28
C LYS A 41 -16.26 -13.07 1.96
N ASN A 42 -14.94 -13.18 1.83
CA ASN A 42 -14.30 -14.47 1.58
C ASN A 42 -13.19 -14.87 2.56
N GLY A 43 -12.96 -14.03 3.56
CA GLY A 43 -11.99 -14.27 4.59
C GLY A 43 -10.55 -14.27 4.11
N LYS A 44 -10.30 -13.69 2.93
CA LYS A 44 -8.95 -13.61 2.37
C LYS A 44 -8.14 -12.51 3.07
N ILE A 45 -7.02 -12.90 3.69
CA ILE A 45 -6.08 -11.97 4.29
C ILE A 45 -5.27 -11.32 3.16
N PHE A 46 -5.34 -9.99 3.05
CA PHE A 46 -4.61 -9.23 2.05
C PHE A 46 -3.31 -8.58 2.51
N ASP A 47 -3.13 -8.40 3.82
CA ASP A 47 -1.89 -7.84 4.31
C ASP A 47 -1.78 -8.09 5.82
N SER A 48 -0.53 -8.14 6.28
CA SER A 48 -0.22 -8.21 7.70
CA SER A 48 -0.22 -8.21 7.70
C SER A 48 1.25 -7.82 7.91
N ASN A 49 1.54 -7.15 9.05
CA ASN A 49 2.90 -6.87 9.43
C ASN A 49 3.30 -7.55 10.75
N ILE A 50 2.59 -8.63 11.08
CA ILE A 50 2.89 -9.39 12.28
C ILE A 50 4.27 -10.00 12.10
N GLY A 51 5.11 -9.82 13.13
CA GLY A 51 6.48 -10.30 13.12
C GLY A 51 7.42 -9.44 12.29
N LYS A 52 6.95 -8.24 11.89
CA LYS A 52 7.70 -7.33 11.03
C LYS A 52 7.74 -5.95 11.68
N SER A 53 8.39 -4.99 11.02
CA SER A 53 8.48 -3.63 11.54
CA SER A 53 8.48 -3.63 11.55
C SER A 53 7.08 -3.02 11.66
N PRO A 54 6.76 -2.33 12.78
CA PRO A 54 5.42 -1.82 12.98
C PRO A 54 5.09 -0.69 11.99
N PHE A 55 3.80 -0.48 11.83
CA PHE A 55 3.25 0.49 10.89
C PHE A 55 2.99 1.78 11.68
N LYS A 56 3.60 2.87 11.23
CA LYS A 56 3.43 4.18 11.90
C LYS A 56 2.56 5.11 11.05
N PHE A 57 1.66 5.82 11.73
CA PHE A 57 0.83 6.82 11.08
C PHE A 57 0.40 7.84 12.10
N ARG A 58 0.03 9.02 11.60
CA ARG A 58 -0.54 10.09 12.46
C ARG A 58 -2.05 9.93 12.52
N LEU A 59 -2.58 9.72 13.72
CA LEU A 59 -3.97 9.40 13.90
C LEU A 59 -4.83 10.64 13.68
N GLY A 60 -5.93 10.45 12.93
CA GLY A 60 -7.00 11.44 12.84
C GLY A 60 -6.89 12.50 11.76
N ILE A 61 -6.01 12.27 10.78
CA ILE A 61 -5.82 13.22 9.70
C ILE A 61 -6.16 12.71 8.28
N GLY A 62 -6.76 11.53 8.22
CA GLY A 62 -7.18 10.98 6.96
C GLY A 62 -6.07 10.36 6.14
N SER A 63 -4.94 10.04 6.77
CA SER A 63 -3.86 9.36 6.05
CA SER A 63 -3.83 9.33 6.14
C SER A 63 -4.20 7.89 5.85
N VAL A 64 -5.07 7.35 6.70
CA VAL A 64 -5.57 5.99 6.61
C VAL A 64 -7.10 6.00 6.45
N ILE A 65 -7.65 4.86 6.08
CA ILE A 65 -9.09 4.71 5.89
C ILE A 65 -9.81 5.13 7.19
N LYS A 66 -11.04 5.64 7.00
CA LYS A 66 -11.83 6.20 8.10
C LYS A 66 -12.03 5.24 9.25
N GLY A 67 -12.25 3.96 8.93
CA GLY A 67 -12.46 2.95 9.95
C GLY A 67 -11.28 2.82 10.93
N TRP A 68 -10.05 3.06 10.44
CA TRP A 68 -8.86 3.10 11.28
C TRP A 68 -8.81 4.37 12.12
N ASP A 69 -9.06 5.53 11.50
CA ASP A 69 -8.97 6.77 12.28
C ASP A 69 -9.94 6.73 13.47
N VAL A 70 -11.14 6.19 13.24
CA VAL A 70 -12.15 6.09 14.29
C VAL A 70 -11.82 4.94 15.23
N GLY A 71 -11.47 3.78 14.67
CA GLY A 71 -11.32 2.56 15.45
C GLY A 71 -10.07 2.43 16.31
N VAL A 72 -8.98 3.08 15.87
CA VAL A 72 -7.72 3.00 16.64
C VAL A 72 -7.76 4.03 17.79
N ASN A 73 -8.56 5.09 17.62
CA ASN A 73 -8.66 6.15 18.62
C ASN A 73 -9.08 5.58 19.97
N GLY A 74 -8.31 5.90 21.01
CA GLY A 74 -8.55 5.50 22.37
C GLY A 74 -7.90 4.21 22.82
N MET A 75 -7.23 3.51 21.89
CA MET A 75 -6.44 2.33 22.29
C MET A 75 -5.32 2.76 23.20
N ARG A 76 -4.93 1.88 24.14
CA ARG A 76 -3.70 2.03 24.96
C ARG A 76 -2.70 0.93 24.57
N VAL A 77 -1.40 1.19 24.78
CA VAL A 77 -0.37 0.27 24.36
C VAL A 77 -0.69 -1.13 24.92
N GLY A 78 -0.62 -2.12 24.03
CA GLY A 78 -0.88 -3.51 24.33
C GLY A 78 -2.31 -3.95 24.02
N ASP A 79 -3.24 -3.01 23.92
CA ASP A 79 -4.60 -3.33 23.52
C ASP A 79 -4.60 -3.91 22.10
N LYS A 80 -5.54 -4.83 21.85
CA LYS A 80 -5.86 -5.32 20.51
C LYS A 80 -7.35 -5.10 20.26
N ARG A 81 -7.70 -4.64 19.06
CA ARG A 81 -9.10 -4.44 18.63
C ARG A 81 -9.35 -5.13 17.29
N LYS A 82 -10.60 -5.54 17.08
CA LYS A 82 -11.10 -5.95 15.79
C LYS A 82 -12.00 -4.86 15.26
N LEU A 83 -11.71 -4.41 14.04
CA LEU A 83 -12.48 -3.40 13.34
C LEU A 83 -13.24 -4.07 12.22
N THR A 84 -14.56 -3.91 12.22
CA THR A 84 -15.42 -4.39 11.12
C THR A 84 -15.90 -3.15 10.39
N ILE A 85 -15.35 -2.94 9.19
CA ILE A 85 -15.35 -1.62 8.53
C ILE A 85 -16.22 -1.68 7.28
N PRO A 86 -17.31 -0.88 7.19
CA PRO A 86 -18.15 -0.86 5.99
C PRO A 86 -17.42 -0.17 4.84
N PRO A 87 -17.84 -0.41 3.59
CA PRO A 87 -17.18 0.21 2.44
C PRO A 87 -17.03 1.73 2.56
N SER A 88 -18.05 2.40 3.11
CA SER A 88 -17.99 3.87 3.28
C SER A 88 -16.84 4.35 4.16
N MET A 89 -16.31 3.46 4.99
CA MET A 89 -15.23 3.75 5.92
CA MET A 89 -15.22 3.75 5.91
C MET A 89 -13.94 3.04 5.52
N GLY A 90 -13.95 2.45 4.33
CA GLY A 90 -12.82 1.73 3.76
C GLY A 90 -12.48 2.31 2.42
N TYR A 91 -12.62 1.51 1.36
CA TYR A 91 -12.25 1.89 -0.02
C TYR A 91 -13.48 2.11 -0.89
N GLY A 92 -14.69 2.05 -0.32
CA GLY A 92 -15.87 2.54 -1.02
C GLY A 92 -16.16 1.87 -2.36
N VAL A 93 -16.73 2.66 -3.28
CA VAL A 93 -17.15 2.14 -4.56
C VAL A 93 -15.98 1.77 -5.46
N LYS A 94 -14.87 2.50 -5.34
CA LYS A 94 -13.67 2.24 -6.17
C LYS A 94 -12.95 0.93 -5.80
N GLY A 95 -12.92 0.62 -4.51
CA GLY A 95 -12.12 -0.48 -4.01
C GLY A 95 -10.63 -0.16 -4.09
N ALA A 96 -9.82 -1.22 -3.97
CA ALA A 96 -8.35 -1.15 -3.97
C ALA A 96 -7.76 -2.34 -4.77
N GLY A 97 -7.81 -2.20 -6.10
CA GLY A 97 -7.45 -3.23 -7.03
C GLY A 97 -8.35 -4.43 -6.88
N GLY A 98 -7.89 -5.57 -7.39
CA GLY A 98 -8.65 -6.81 -7.42
C GLY A 98 -8.81 -7.47 -6.07
N GLN A 99 -7.86 -7.21 -5.15
CA GLN A 99 -7.90 -7.80 -3.81
C GLN A 99 -9.04 -7.23 -2.94
N ILE A 100 -9.43 -5.98 -3.21
CA ILE A 100 -10.49 -5.33 -2.47
C ILE A 100 -11.49 -4.78 -3.49
N PRO A 101 -12.53 -5.55 -3.86
CA PRO A 101 -13.51 -5.11 -4.85
C PRO A 101 -14.33 -3.92 -4.37
N PRO A 102 -15.05 -3.25 -5.28
CA PRO A 102 -16.03 -2.25 -4.91
C PRO A 102 -16.97 -2.74 -3.80
N ASN A 103 -17.35 -1.83 -2.90
CA ASN A 103 -18.37 -2.08 -1.92
C ASN A 103 -18.03 -3.23 -0.99
N SER A 104 -16.76 -3.35 -0.60
CA SER A 104 -16.28 -4.43 0.30
C SER A 104 -16.21 -4.00 1.76
N TRP A 105 -16.80 -4.82 2.63
CA TRP A 105 -16.50 -4.77 4.06
C TRP A 105 -15.13 -5.38 4.31
N LEU A 106 -14.41 -4.77 5.26
CA LEU A 106 -13.08 -5.19 5.68
C LEU A 106 -13.09 -5.52 7.16
N THR A 107 -12.28 -6.50 7.57
CA THR A 107 -11.99 -6.68 8.98
C THR A 107 -10.48 -6.56 9.21
N PHE A 108 -10.12 -5.84 10.28
CA PHE A 108 -8.74 -5.74 10.71
C PHE A 108 -8.63 -6.07 12.18
N ASP A 109 -7.60 -6.84 12.53
CA ASP A 109 -7.12 -6.92 13.91
C ASP A 109 -5.97 -5.91 14.02
N VAL A 110 -6.02 -5.03 15.04
CA VAL A 110 -4.98 -4.02 15.23
C VAL A 110 -4.48 -4.09 16.67
N GLU A 111 -3.15 -4.09 16.84
CA GLU A 111 -2.50 -4.06 18.14
C GLU A 111 -1.70 -2.77 18.24
N LEU A 112 -1.92 -1.99 19.31
CA LEU A 112 -1.16 -0.77 19.55
C LEU A 112 0.18 -1.10 20.22
N ILE A 113 1.27 -0.74 19.52
CA ILE A 113 2.63 -1.04 19.96
C ILE A 113 3.26 0.13 20.71
N ASN A 114 3.01 1.35 20.24
CA ASN A 114 3.57 2.56 20.84
C ASN A 114 2.84 3.79 20.39
N VAL A 115 3.03 4.88 21.15
CA VAL A 115 2.53 6.21 20.85
C VAL A 115 3.68 7.17 21.13
N GLN A 116 3.91 8.06 20.20
CA GLN A 116 4.99 8.99 20.35
C GLN A 116 4.46 10.23 21.01
N LEU A 117 3.70 10.96 20.25
CA LEU A 117 3.41 12.33 20.46
C LEU A 117 3.00 12.84 19.06
N GLN B 2 18.36 -1.01 -24.30
CA GLN B 2 19.59 -0.57 -23.61
C GLN B 2 19.35 -0.27 -22.12
N VAL B 3 20.27 0.48 -21.50
CA VAL B 3 20.27 0.72 -20.06
C VAL B 3 20.54 2.19 -19.80
N ARG B 4 19.80 2.76 -18.84
CA ARG B 4 20.11 4.08 -18.25
C ARG B 4 20.22 3.93 -16.73
N THR B 5 21.30 4.46 -16.15
CA THR B 5 21.42 4.57 -14.70
C THR B 5 21.35 6.03 -14.33
N TYR B 6 20.98 6.28 -13.08
CA TYR B 6 20.86 7.63 -12.47
C TYR B 6 21.77 7.70 -11.25
N PRO B 7 22.27 8.88 -10.86
CA PRO B 7 23.22 8.99 -9.75
C PRO B 7 22.69 8.47 -8.39
N ASN B 8 21.37 8.44 -8.22
CA ASN B 8 20.75 7.91 -7.04
C ASN B 8 20.70 6.37 -6.98
N GLY B 9 21.10 5.71 -8.08
CA GLY B 9 21.12 4.26 -8.15
C GLY B 9 19.98 3.62 -8.93
N LEU B 10 18.97 4.40 -9.33
CA LEU B 10 17.91 3.87 -10.21
C LEU B 10 18.50 3.35 -11.50
N ILE B 11 18.13 2.12 -11.88
CA ILE B 11 18.51 1.52 -13.17
C ILE B 11 17.24 1.24 -13.96
N VAL B 12 17.23 1.70 -15.21
CA VAL B 12 16.10 1.48 -16.12
C VAL B 12 16.65 0.74 -17.34
N GLU B 13 16.22 -0.51 -17.52
CA GLU B 13 16.68 -1.36 -18.60
C GLU B 13 15.53 -1.67 -19.53
N GLU B 14 15.76 -1.47 -20.83
CA GLU B 14 14.80 -1.85 -21.85
C GLU B 14 15.07 -3.31 -22.14
N LEU B 15 14.11 -4.16 -21.78
CA LEU B 15 14.18 -5.61 -22.00
C LEU B 15 13.76 -5.99 -23.41
N SER B 16 12.65 -5.42 -23.89
CA SER B 16 12.21 -5.59 -25.26
C SER B 16 11.41 -4.38 -25.72
N MET B 17 11.44 -4.13 -27.02
CA MET B 17 10.70 -3.06 -27.65
C MET B 17 9.36 -3.55 -28.13
N GLY B 18 8.37 -2.70 -27.95
CA GLY B 18 7.04 -2.87 -28.49
C GLY B 18 7.09 -2.56 -30.01
N LYS B 19 5.98 -2.73 -30.67
CA LYS B 19 5.84 -2.37 -32.09
C LYS B 19 6.11 -0.92 -32.35
N PRO B 20 6.59 -0.59 -33.55
CA PRO B 20 6.94 0.80 -33.88
C PRO B 20 5.83 1.84 -33.63
N ASN B 21 4.56 1.43 -33.90
CA ASN B 21 3.39 2.29 -33.70
C ASN B 21 2.86 2.46 -32.26
N GLY B 22 3.62 2.00 -31.25
CA GLY B 22 3.17 2.00 -29.89
C GLY B 22 3.02 3.42 -29.34
N LYS B 23 1.89 3.70 -28.68
CA LYS B 23 1.65 5.01 -28.09
C LYS B 23 2.64 5.27 -26.99
N ARG B 24 3.08 6.51 -26.83
CA ARG B 24 4.15 6.89 -25.87
C ARG B 24 3.53 7.41 -24.56
N ALA B 25 4.06 6.97 -23.43
CA ALA B 25 3.72 7.44 -22.09
C ALA B 25 4.49 8.69 -21.72
N ASP B 26 3.76 9.77 -21.44
CA ASP B 26 4.34 11.05 -21.01
C ASP B 26 3.71 11.41 -19.67
N PRO B 27 4.36 12.26 -18.84
CA PRO B 27 3.74 12.72 -17.60
C PRO B 27 2.37 13.37 -17.85
N GLY B 28 1.39 13.03 -17.01
CA GLY B 28 0.04 13.53 -17.09
C GLY B 28 -0.93 12.63 -17.85
N LYS B 29 -0.40 11.61 -18.55
CA LYS B 29 -1.23 10.62 -19.25
C LYS B 29 -1.60 9.48 -18.32
N THR B 30 -2.83 8.98 -18.48
CA THR B 30 -3.24 7.76 -17.80
C THR B 30 -2.71 6.56 -18.60
N VAL B 31 -2.03 5.64 -17.90
CA VAL B 31 -1.38 4.49 -18.52
C VAL B 31 -1.87 3.23 -17.85
N SER B 32 -1.74 2.10 -18.57
CA SER B 32 -2.13 0.80 -18.08
C SER B 32 -0.92 -0.10 -18.23
N VAL B 33 -0.57 -0.82 -17.15
CA VAL B 33 0.63 -1.66 -17.15
C VAL B 33 0.38 -3.04 -16.55
N ARG B 34 1.20 -4.00 -16.98
CA ARG B 34 1.34 -5.31 -16.29
C ARG B 34 2.71 -5.33 -15.61
N TYR B 35 2.79 -5.90 -14.42
CA TYR B 35 4.07 -5.87 -13.68
C TYR B 35 4.24 -7.11 -12.82
N ILE B 36 5.51 -7.38 -12.51
CA ILE B 36 5.94 -8.33 -11.48
C ILE B 36 6.89 -7.55 -10.60
N GLY B 37 6.63 -7.54 -9.28
CA GLY B 37 7.45 -6.82 -8.31
C GLY B 37 8.15 -7.79 -7.36
N LYS B 38 9.46 -7.61 -7.19
CA LYS B 38 10.31 -8.48 -6.40
C LYS B 38 11.15 -7.65 -5.42
N LEU B 39 11.43 -8.24 -4.23
CA LEU B 39 12.50 -7.72 -3.39
C LEU B 39 13.84 -8.12 -4.03
N GLN B 40 14.67 -7.10 -4.29
CA GLN B 40 15.94 -7.33 -4.95
C GLN B 40 16.90 -8.18 -4.14
N LYS B 41 16.79 -8.14 -2.80
CA LYS B 41 17.73 -8.84 -1.94
C LYS B 41 17.66 -10.35 -2.09
N ASN B 42 16.48 -10.88 -2.41
CA ASN B 42 16.25 -12.34 -2.41
C ASN B 42 15.38 -12.85 -3.54
N GLY B 43 14.98 -11.96 -4.44
CA GLY B 43 14.16 -12.30 -5.59
C GLY B 43 12.74 -12.76 -5.26
N LYS B 44 12.28 -12.47 -4.04
CA LYS B 44 10.92 -12.81 -3.60
C LYS B 44 9.89 -11.89 -4.25
N ILE B 45 8.96 -12.50 -4.98
CA ILE B 45 7.89 -11.76 -5.65
C ILE B 45 6.83 -11.42 -4.60
N PHE B 46 6.58 -10.11 -4.43
CA PHE B 46 5.54 -9.62 -3.52
C PHE B 46 4.21 -9.29 -4.20
N ASP B 47 4.22 -9.05 -5.52
CA ASP B 47 2.99 -8.79 -6.23
C ASP B 47 3.21 -8.96 -7.73
N SER B 48 2.12 -9.31 -8.40
CA SER B 48 2.05 -9.30 -9.86
C SER B 48 0.59 -9.19 -10.27
N ASN B 49 0.34 -8.59 -11.43
CA ASN B 49 -0.99 -8.60 -12.00
C ASN B 49 -1.07 -9.37 -13.31
N ILE B 50 -0.15 -10.32 -13.46
CA ILE B 50 -0.24 -11.29 -14.55
C ILE B 50 -1.52 -12.12 -14.32
N GLY B 51 -2.36 -12.21 -15.34
CA GLY B 51 -3.62 -12.93 -15.26
C GLY B 51 -4.71 -12.14 -14.55
N LYS B 52 -4.47 -10.84 -14.36
CA LYS B 52 -5.41 -9.96 -13.67
C LYS B 52 -5.68 -8.73 -14.54
N SER B 53 -6.60 -7.87 -14.08
CA SER B 53 -6.84 -6.59 -14.74
C SER B 53 -5.55 -5.77 -14.75
N PRO B 54 -5.24 -5.06 -15.86
CA PRO B 54 -4.05 -4.21 -15.87
C PRO B 54 -4.17 -3.07 -14.85
N PHE B 55 -3.01 -2.58 -14.44
CA PHE B 55 -2.89 -1.59 -13.37
C PHE B 55 -2.87 -0.22 -14.05
N LYS B 56 -3.83 0.63 -13.68
CA LYS B 56 -4.02 1.92 -14.33
C LYS B 56 -3.68 3.03 -13.34
N PHE B 57 -2.89 3.98 -13.81
CA PHE B 57 -2.52 5.13 -12.98
C PHE B 57 -2.19 6.31 -13.88
N ARG B 58 -2.24 7.50 -13.29
CA ARG B 58 -1.81 8.73 -14.00
CA ARG B 58 -1.84 8.77 -13.93
C ARG B 58 -0.33 8.94 -13.74
N LEU B 59 0.44 8.96 -14.81
CA LEU B 59 1.90 9.05 -14.73
C LEU B 59 2.31 10.46 -14.30
N GLY B 60 3.28 10.51 -13.39
CA GLY B 60 3.97 11.75 -13.06
C GLY B 60 3.38 12.64 -11.97
N ILE B 61 2.41 12.11 -11.22
CA ILE B 61 1.73 12.85 -10.19
C ILE B 61 1.93 12.30 -8.76
N GLY B 62 2.84 11.33 -8.63
CA GLY B 62 3.20 10.82 -7.33
C GLY B 62 2.19 9.86 -6.74
N SER B 63 1.31 9.32 -7.58
CA SER B 63 0.37 8.31 -7.13
CA SER B 63 0.35 8.27 -7.24
C SER B 63 1.06 6.97 -6.91
N VAL B 64 2.21 6.77 -7.54
CA VAL B 64 3.05 5.60 -7.39
C VAL B 64 4.46 6.02 -6.96
N ILE B 65 5.29 5.04 -6.57
CA ILE B 65 6.63 5.32 -6.11
C ILE B 65 7.43 6.02 -7.19
N LYS B 66 8.40 6.83 -6.76
CA LYS B 66 9.19 7.65 -7.66
C LYS B 66 9.87 6.86 -8.78
N GLY B 67 10.38 5.67 -8.46
CA GLY B 67 11.00 4.82 -9.44
C GLY B 67 10.09 4.45 -10.62
N TRP B 68 8.80 4.33 -10.37
CA TRP B 68 7.80 4.10 -11.43
C TRP B 68 7.53 5.37 -12.21
N ASP B 69 7.34 6.51 -11.52
CA ASP B 69 7.07 7.76 -12.26
C ASP B 69 8.21 8.04 -13.23
N VAL B 70 9.44 7.82 -12.80
CA VAL B 70 10.62 8.04 -13.64
C VAL B 70 10.77 6.92 -14.68
N GLY B 71 10.65 5.67 -14.23
CA GLY B 71 10.94 4.50 -15.04
C GLY B 71 9.95 4.14 -16.11
N VAL B 72 8.67 4.47 -15.90
CA VAL B 72 7.64 4.20 -16.90
C VAL B 72 7.61 5.30 -17.96
N ASN B 73 8.05 6.51 -17.58
CA ASN B 73 8.06 7.65 -18.51
C ASN B 73 8.87 7.31 -19.77
N GLY B 74 8.25 7.55 -20.93
CA GLY B 74 8.91 7.33 -22.22
C GLY B 74 8.71 5.95 -22.82
N MET B 75 8.10 5.03 -22.07
CA MET B 75 7.74 3.74 -22.60
C MET B 75 6.73 3.92 -23.73
N ARG B 76 6.78 3.01 -24.69
CA ARG B 76 5.77 2.86 -25.77
C ARG B 76 5.02 1.54 -25.56
N VAL B 77 3.76 1.50 -26.00
CA VAL B 77 2.93 0.31 -25.82
C VAL B 77 3.68 -0.90 -26.35
N GLY B 78 3.72 -1.95 -25.53
CA GLY B 78 4.41 -3.19 -25.83
C GLY B 78 5.83 -3.28 -25.29
N ASP B 79 6.45 -2.13 -24.96
CA ASP B 79 7.78 -2.13 -24.34
C ASP B 79 7.72 -2.88 -23.00
N LYS B 80 8.81 -3.58 -22.68
CA LYS B 80 9.04 -4.13 -21.33
C LYS B 80 10.33 -3.55 -20.80
N ARG B 81 10.27 -3.08 -19.56
CA ARG B 81 11.43 -2.53 -18.84
C ARG B 81 11.62 -3.27 -17.51
N LYS B 82 12.88 -3.34 -17.08
CA LYS B 82 13.21 -3.73 -15.74
C LYS B 82 13.68 -2.50 -15.00
N LEU B 83 13.05 -2.23 -13.86
CA LEU B 83 13.37 -1.10 -12.99
C LEU B 83 14.02 -1.65 -11.74
N THR B 84 15.25 -1.22 -11.48
CA THR B 84 15.95 -1.57 -10.23
C THR B 84 15.97 -0.28 -9.40
N ILE B 85 15.22 -0.28 -8.30
CA ILE B 85 14.80 0.91 -7.60
C ILE B 85 15.45 0.96 -6.22
N PRO B 86 16.26 1.99 -5.91
CA PRO B 86 16.81 2.13 -4.55
C PRO B 86 15.72 2.52 -3.56
N PRO B 87 15.94 2.29 -2.25
CA PRO B 87 14.99 2.70 -1.23
C PRO B 87 14.51 4.15 -1.39
N SER B 88 15.41 5.06 -1.75
CA SER B 88 15.03 6.47 -1.88
C SER B 88 13.97 6.75 -2.96
N MET B 89 13.82 5.82 -3.92
CA MET B 89 12.86 5.93 -4.99
CA MET B 89 12.84 5.95 -4.99
C MET B 89 11.72 4.92 -4.84
N GLY B 90 11.68 4.26 -3.67
CA GLY B 90 10.66 3.28 -3.36
C GLY B 90 9.97 3.67 -2.07
N TYR B 91 10.17 2.89 -1.01
CA TYR B 91 9.51 3.08 0.30
C TYR B 91 10.49 3.52 1.39
N GLY B 92 11.70 3.90 1.00
CA GLY B 92 12.62 4.54 1.91
C GLY B 92 13.28 3.66 2.94
N VAL B 93 13.91 4.33 3.91
CA VAL B 93 14.57 3.66 5.03
C VAL B 93 13.54 2.90 5.87
N LYS B 94 12.37 3.53 6.07
CA LYS B 94 11.35 3.00 6.97
C LYS B 94 10.68 1.74 6.43
N GLY B 95 10.56 1.64 5.10
CA GLY B 95 9.84 0.56 4.48
C GLY B 95 8.36 0.87 4.59
N ALA B 96 7.52 -0.15 4.41
CA ALA B 96 6.08 0.10 4.25
C ALA B 96 5.25 -1.11 4.49
N GLY B 97 4.55 -1.11 5.62
CA GLY B 97 3.54 -2.10 5.94
C GLY B 97 4.15 -3.48 6.04
N GLY B 98 3.32 -4.49 5.83
CA GLY B 98 3.74 -5.87 5.77
C GLY B 98 4.56 -6.25 4.54
N GLN B 99 4.39 -5.48 3.45
CA GLN B 99 4.89 -5.89 2.16
C GLN B 99 6.38 -5.58 1.94
N ILE B 100 6.83 -4.44 2.48
CA ILE B 100 8.14 -3.93 2.11
C ILE B 100 9.03 -3.68 3.32
N PRO B 101 10.11 -4.48 3.51
CA PRO B 101 11.02 -4.25 4.63
C PRO B 101 11.74 -2.90 4.54
N PRO B 102 12.25 -2.41 5.69
CA PRO B 102 13.11 -1.24 5.68
C PRO B 102 14.25 -1.40 4.67
N ASN B 103 14.72 -0.29 4.11
CA ASN B 103 15.88 -0.27 3.26
C ASN B 103 15.79 -1.27 2.07
N SER B 104 14.64 -1.37 1.41
CA SER B 104 14.45 -2.34 0.33
C SER B 104 14.78 -1.78 -1.05
N TRP B 105 15.81 -2.35 -1.68
CA TRP B 105 15.90 -2.27 -3.15
C TRP B 105 14.80 -3.15 -3.74
N LEU B 106 14.15 -2.66 -4.79
CA LEU B 106 13.05 -3.32 -5.47
C LEU B 106 13.36 -3.50 -6.93
N THR B 107 12.90 -4.61 -7.50
CA THR B 107 12.97 -4.84 -8.94
C THR B 107 11.55 -5.04 -9.45
N PHE B 108 11.18 -4.31 -10.50
CA PHE B 108 9.93 -4.52 -11.20
C PHE B 108 10.21 -4.74 -12.69
N ASP B 109 9.55 -5.76 -13.23
CA ASP B 109 9.39 -5.92 -14.68
C ASP B 109 8.05 -5.29 -15.03
N VAL B 110 8.05 -4.32 -15.96
CA VAL B 110 6.86 -3.58 -16.30
C VAL B 110 6.65 -3.63 -17.81
N GLU B 111 5.42 -3.93 -18.22
CA GLU B 111 5.00 -3.93 -19.61
C GLU B 111 3.94 -2.86 -19.77
N LEU B 112 4.14 -1.93 -20.72
CA LEU B 112 3.13 -0.93 -21.04
C LEU B 112 2.03 -1.49 -21.96
N ILE B 113 0.79 -1.50 -21.46
CA ILE B 113 -0.36 -2.09 -22.16
C ILE B 113 -1.15 -1.07 -22.96
N ASN B 114 -1.31 0.12 -22.40
CA ASN B 114 -2.03 1.20 -23.10
C ASN B 114 -1.67 2.57 -22.53
N VAL B 115 -1.88 3.59 -23.36
CA VAL B 115 -1.77 4.99 -22.99
C VAL B 115 -3.03 5.67 -23.50
N GLN B 116 -3.71 6.43 -22.63
CA GLN B 116 -4.84 7.26 -23.06
C GLN B 116 -4.35 8.63 -23.53
N LEU B 117 -4.35 8.85 -24.86
CA LEU B 117 -3.89 10.13 -25.39
C LEU B 117 -4.99 11.19 -25.26
C1 RAP C . -4.85 2.20 4.70
O1 RAP C . -3.89 2.21 3.77
O2 RAP C . -5.52 3.16 4.97
C2 RAP C . -5.05 0.83 5.35
C3 RAP C . -5.10 1.00 6.87
C4 RAP C . -3.68 1.20 7.46
C5 RAP C . -2.76 0.06 7.04
C6 RAP C . -2.73 -0.10 5.54
N7 RAP C . -4.09 -0.22 5.00
C8 RAP C . -4.53 -1.27 4.26
O3 RAP C . -5.68 -1.27 3.80
C9 RAP C . -3.72 -2.31 3.91
O4 RAP C . -3.60 -3.24 4.70
C10 RAP C . -2.90 -2.28 2.64
O5 RAP C . -1.81 -1.40 2.97
O6 RAP C . -2.34 -3.53 2.37
C11 RAP C . -3.65 -1.77 1.39
C12 RAP C . -2.65 -1.50 0.27
C13 RAP C . -1.56 -0.55 0.72
C14 RAP C . -0.86 -1.11 1.95
C15 RAP C . 0.08 -0.11 2.61
C16 RAP C . 1.34 0.27 1.83
O7 RAP C . 2.18 -0.90 1.77
C17 RAP C . 2.05 1.43 2.49
C18 RAP C . 2.33 2.55 1.82
C19 RAP C . 2.89 3.78 2.33
C20 RAP C . 3.06 4.96 1.67
C21 RAP C . 3.54 6.22 2.20
C22 RAP C . 3.47 7.37 1.56
C23 RAP C . 3.90 8.72 2.06
C24 RAP C . 2.70 9.65 2.17
C25 RAP C . 1.54 9.12 3.04
C26 RAP C . 0.28 9.93 2.81
O8 RAP C . 0.01 10.89 3.52
C27 RAP C . -0.64 9.54 1.67
O9 RAP C . -1.44 10.61 1.19
C28 RAP C . -1.61 8.44 2.14
O10 RAP C . -2.14 8.86 3.37
C29 RAP C . -0.96 7.07 2.27
C30 RAP C . -0.83 6.45 3.45
C31 RAP C . -0.25 5.09 3.72
C32 RAP C . -1.40 4.11 3.99
O11 RAP C . -1.70 3.81 5.13
C33 RAP C . -2.15 3.56 2.82
C34 RAP C . -3.64 3.46 3.05
C35 RAP C . -4.53 3.46 1.78
C36 RAP C . -4.62 4.84 1.11
C37 RAP C . -5.32 5.97 1.87
C38 RAP C . -5.31 7.27 1.06
C39 RAP C . -6.02 8.40 1.77
O12 RAP C . -6.10 9.57 0.95
C40 RAP C . -7.44 8.01 2.13
O13 RAP C . -8.07 9.07 2.85
C41 RAP C . -7.46 6.75 2.98
C42 RAP C . -6.73 5.60 2.27
C43 RAP C . -4.74 -2.74 0.96
C44 RAP C . 2.37 1.24 3.95
C45 RAP C . 4.97 9.30 1.12
C46 RAP C . 1.93 9.11 4.52
C47 RAP C . -0.48 6.48 0.98
C48 RAP C . 0.73 5.14 4.86
C49 RAP C . -4.07 2.41 0.77
C50 RAP C . 3.22 -0.83 0.81
C51 RAP C . -0.67 11.66 0.59
C52 RAP C . -5.04 10.50 1.16
S SO4 D . -12.78 -16.47 7.92
O1 SO4 D . -13.08 -17.49 8.89
O2 SO4 D . -13.55 -15.30 8.21
O3 SO4 D . -11.38 -16.16 7.97
O4 SO4 D . -13.12 -16.95 6.61
S SO4 E . -9.05 -10.09 10.93
O1 SO4 E . -8.21 -11.25 10.97
O2 SO4 E . -9.95 -10.10 12.06
O3 SO4 E . -8.24 -8.90 10.99
O4 SO4 E . -9.82 -10.08 9.73
S SO4 F . 10.71 -6.37 8.64
O1 SO4 F . 10.26 -7.51 9.38
O2 SO4 F . 11.53 -5.54 9.49
O3 SO4 F . 11.51 -6.82 7.52
O4 SO4 F . 9.59 -5.61 8.17
S SO4 G . -3.00 13.15 4.16
O1 SO4 G . -2.28 12.42 5.16
O2 SO4 G . -4.37 13.34 4.59
O3 SO4 G . -2.38 14.44 3.96
O4 SO4 G . -2.98 12.42 2.93
C1 RAP H . 3.10 1.65 -5.83
O1 RAP H . 2.00 1.33 -5.14
O2 RAP H . 3.51 2.79 -5.92
C2 RAP H . 3.80 0.44 -6.45
C3 RAP H . 4.04 0.71 -7.95
C4 RAP H . 2.74 0.54 -8.77
C5 RAP H . 2.16 -0.84 -8.54
C6 RAP H . 1.93 -1.11 -7.05
N7 RAP H . 3.15 -0.87 -6.26
C8 RAP H . 3.68 -1.78 -5.41
O3 RAP H . 4.64 -1.48 -4.72
C9 RAP H . 3.16 -3.05 -5.27
O4 RAP H . 3.43 -3.92 -6.10
C10 RAP H . 2.15 -3.39 -4.18
O5 RAP H . 0.95 -2.75 -4.62
O6 RAP H . 1.91 -4.77 -4.13
C11 RAP H . 2.56 -2.90 -2.79
C12 RAP H . 1.38 -3.08 -1.82
C13 RAP H . 0.13 -2.39 -2.35
C14 RAP H . -0.20 -2.88 -3.75
C15 RAP H . -1.29 -2.07 -4.46
C16 RAP H . -2.66 -2.17 -3.80
O7 RAP H . -3.07 -3.53 -3.85
C17 RAP H . -3.67 -1.24 -4.43
C18 RAP H . -4.15 -0.23 -3.72
C19 RAP H . -5.09 0.79 -4.08
C20 RAP H . -5.51 1.85 -3.31
C21 RAP H . -6.42 2.92 -3.68
C22 RAP H . -6.71 3.95 -2.90
C23 RAP H . -7.53 5.16 -3.28
C24 RAP H . -6.61 6.36 -3.48
C25 RAP H . -5.45 6.15 -4.46
C26 RAP H . -4.47 7.31 -4.37
O8 RAP H . -4.51 8.23 -5.15
C27 RAP H . -3.40 7.26 -3.28
O9 RAP H . -2.93 8.54 -2.92
C28 RAP H . -2.19 6.46 -3.75
O10 RAP H . -1.74 7.02 -4.97
C29 RAP H . -2.45 4.97 -3.91
C30 RAP H . -2.39 4.37 -5.10
C31 RAP H . -2.38 2.90 -5.43
C32 RAP H . -0.93 2.46 -5.60
O11 RAP H . -0.39 2.48 -6.70
C33 RAP H . -0.17 2.07 -4.37
C34 RAP H . 1.31 2.41 -4.43
C35 RAP H . 1.95 2.60 -3.05
C36 RAP H . 1.50 3.87 -2.34
C37 RAP H . 1.97 5.21 -2.94
C38 RAP H . 1.42 6.38 -2.11
C39 RAP H . 1.83 7.72 -2.67
O12 RAP H . 1.34 8.81 -1.89
C40 RAP H . 3.35 7.81 -2.72
O13 RAP H . 3.69 9.08 -3.30
C41 RAP H . 3.91 6.69 -3.58
C42 RAP H . 3.48 5.32 -3.06
C43 RAP H . 3.81 -3.60 -2.27
C44 RAP H . -4.05 -1.56 -5.87
C45 RAP H . -8.58 5.44 -2.20
C46 RAP H . -5.95 5.96 -5.88
C47 RAP H . -2.75 4.26 -2.62
C48 RAP H . -3.21 2.61 -6.68
C49 RAP H . 1.69 1.38 -2.15
C50 RAP H . -4.17 -3.83 -2.99
C51 RAP H . -3.73 9.20 -1.95
C52 RAP H . -0.03 9.12 -2.11
S SO4 I . 21.58 -3.33 -7.18
O1 SO4 I . 20.16 -3.23 -6.97
O2 SO4 I . 22.23 -3.55 -5.92
O3 SO4 I . 21.85 -4.43 -8.06
O4 SO4 I . 22.07 -2.11 -7.77
C1 PEG J . 15.12 7.02 1.71
O1 PEG J . 16.34 7.42 1.11
C2 PEG J . 14.66 7.99 2.77
O2 PEG J . 14.01 7.27 3.81
C3 PEG J . 12.75 7.81 4.17
C4 PEG J . 12.14 7.01 5.26
O4 PEG J . 11.37 5.93 4.79
#